data_2FCZ
#
_entry.id   2FCZ
#
_cell.length_a   112.125
_cell.length_b   27.191
_cell.length_c   106.909
_cell.angle_alpha   90.00
_cell.angle_beta   116.72
_cell.angle_gamma   90.00
#
_symmetry.space_group_name_H-M   'C 1 2 1'
#
loop_
_entity.id
_entity.type
_entity.pdbx_description
1 polymer 'HIV-1 DIS RNA'
2 non-polymer 'POTASSIUM ION'
3 non-polymer RIBOSTAMYCIN
4 water water
#
_entity_poly.entity_id   1
_entity_poly.type   'polyribonucleotide'
_entity_poly.pdbx_seq_one_letter_code
;CU(5BU)GCUGAAGUGCACACAGCAAG
;
_entity_poly.pdbx_strand_id   A,B,C,D
#
loop_
_chem_comp.id
_chem_comp.type
_chem_comp.name
_chem_comp.formula
5BU RNA linking 5-BROMO-URIDINE-5'-MONOPHOSPHATE 'C9 H12 Br N2 O9 P'
A RNA linking ADENOSINE-5'-MONOPHOSPHATE 'C10 H14 N5 O7 P'
C RNA linking CYTIDINE-5'-MONOPHOSPHATE 'C9 H14 N3 O8 P'
G RNA linking GUANOSINE-5'-MONOPHOSPHATE 'C10 H14 N5 O8 P'
K non-polymer 'POTASSIUM ION' 'K 1'
RIO non-polymer RIBOSTAMYCIN 'C17 H34 N4 O10'
U RNA linking URIDINE-5'-MONOPHOSPHATE 'C9 H13 N2 O9 P'
#
# COMPACT_ATOMS: atom_id res chain seq x y z
P 5BU A 3 15.73 12.88 -22.80
OP1 5BU A 3 14.51 13.66 -23.13
OP2 5BU A 3 15.88 12.30 -21.42
O5' 5BU A 3 15.82 11.69 -23.85
C5' 5BU A 3 15.62 11.95 -25.25
C4' 5BU A 3 15.62 10.67 -26.02
O4' 5BU A 3 16.93 10.06 -25.95
C3' 5BU A 3 14.68 9.59 -25.50
O3' 5BU A 3 13.34 9.78 -25.95
C2' 5BU A 3 15.29 8.34 -26.10
O2' 5BU A 3 14.99 8.28 -27.49
C1' 5BU A 3 16.78 8.64 -25.95
N1 5BU A 3 17.33 8.12 -24.71
C2 5BU A 3 17.68 6.80 -24.68
O2 5BU A 3 17.52 6.04 -25.63
N3 5BU A 3 18.21 6.37 -23.48
C4 5BU A 3 18.41 7.12 -22.36
O4 5BU A 3 18.96 6.60 -21.39
C5 5BU A 3 18.01 8.47 -22.47
C6 5BU A 3 17.49 8.93 -23.61
BR 5BU A 3 18.06 9.59 -20.92
P 5BU B 3 -18.19 21.56 -9.35
OP1 5BU B 3 -17.50 22.29 -10.42
OP2 5BU B 3 -18.09 20.07 -9.30
O5' 5BU B 3 -17.74 22.19 -7.95
C5' 5BU B 3 -17.74 23.61 -7.76
C4' 5BU B 3 -17.34 23.94 -6.35
O4' 5BU B 3 -18.36 23.50 -5.42
C3' 5BU B 3 -16.07 23.25 -5.88
O3' 5BU B 3 -14.94 23.98 -6.34
C2' 5BU B 3 -16.23 23.25 -4.36
O2' 5BU B 3 -15.94 24.50 -3.78
C1' 5BU B 3 -17.74 23.01 -4.23
N1 5BU B 3 -18.14 21.61 -4.08
C2 5BU B 3 -18.37 21.13 -2.82
O2 5BU B 3 -18.23 21.79 -1.80
N3 5BU B 3 -18.76 19.81 -2.77
C4 5BU B 3 -18.94 18.97 -3.83
O4 5BU B 3 -19.32 17.81 -3.63
C5 5BU B 3 -18.68 19.55 -5.10
C6 5BU B 3 -18.31 20.82 -5.19
BR 5BU B 3 -18.89 18.50 -6.69
P 5BU C 3 18.68 -15.80 19.62
OP1 5BU C 3 17.70 -16.73 20.19
OP2 5BU C 3 18.50 -15.30 18.23
O5' 5BU C 3 18.83 -14.56 20.62
C5' 5BU C 3 18.85 -14.79 22.04
C4' 5BU C 3 19.20 -13.51 22.75
O4' 5BU C 3 20.49 -13.02 22.28
C3' 5BU C 3 18.27 -12.35 22.48
O3' 5BU C 3 17.09 -12.44 23.27
C2' 5BU C 3 19.13 -11.16 22.88
O2' 5BU C 3 19.26 -11.07 24.29
C1' 5BU C 3 20.47 -11.58 22.31
N1 5BU C 3 20.74 -11.08 20.96
C2 5BU C 3 21.14 -9.75 20.82
O2 5BU C 3 21.28 -8.99 21.76
N3 5BU C 3 21.36 -9.34 19.54
C4 5BU C 3 21.21 -10.09 18.39
O4 5BU C 3 21.34 -9.52 17.30
C5 5BU C 3 20.80 -11.45 18.61
C6 5BU C 3 20.58 -11.89 19.85
BR 5BU C 3 20.26 -12.50 17.10
P 5BU D 3 -17.20 -17.67 14.20
OP1 5BU D 3 -16.01 -18.32 14.78
OP2 5BU D 3 -17.19 -16.20 13.96
O5' 5BU D 3 -17.55 -18.42 12.84
C5' 5BU D 3 -17.50 -19.85 12.79
C4' 5BU D 3 -17.83 -20.32 11.40
O4' 5BU D 3 -19.18 -19.93 11.09
C3' 5BU D 3 -16.98 -19.67 10.33
O3' 5BU D 3 -15.73 -20.33 10.18
C2' 5BU D 3 -17.88 -19.81 9.10
O2' 5BU D 3 -17.84 -21.13 8.60
C1' 5BU D 3 -19.26 -19.55 9.73
N1 5BU D 3 -19.68 -18.15 9.69
C2 5BU D 3 -20.27 -17.70 8.54
O2 5BU D 3 -20.46 -18.42 7.57
N3 5BU D 3 -20.63 -16.37 8.56
C4 5BU D 3 -20.47 -15.48 9.59
O4 5BU D 3 -20.75 -14.30 9.41
C5 5BU D 3 -19.87 -16.03 10.74
C6 5BU D 3 -19.50 -17.32 10.77
BR 5BU D 3 -19.53 -14.88 12.23
K K E . 5.44 -0.74 -8.21
O1 RIO F . 6.75 2.65 -15.81
C1 RIO F . 6.81 4.01 -16.23
C2 RIO F . 5.39 4.56 -16.46
O2 RIO F . 4.62 4.62 -15.25
C3 RIO F . 4.60 5.98 -14.77
O3 RIO F . 5.00 6.09 -13.39
C4 RIO F . 3.96 5.90 -12.42
C5 RIO F . 3.28 7.25 -12.10
O4 RIO F . 2.55 7.71 -13.24
C6 RIO F . 2.30 7.12 -10.93
N1 RIO F . 1.61 8.40 -10.71
C7 RIO F . 3.05 6.69 -9.67
C8 RIO F . 3.69 5.32 -9.93
N2 RIO F . 4.47 4.92 -8.74
C9 RIO F . 4.61 5.32 -11.15
O5 RIO F . 5.03 3.96 -11.35
C10 RIO F . 6.21 3.80 -12.14
O6 RIO F . 7.39 3.93 -11.31
C11 RIO F . 7.48 2.96 -10.25
C12 RIO F . 8.77 3.20 -9.46
N3 RIO F . 8.70 4.51 -8.79
C13 RIO F . 7.50 1.55 -10.83
O7 RIO F . 7.46 0.61 -9.74
C14 RIO F . 6.29 1.32 -11.72
O8 RIO F . 6.42 0.04 -12.35
C15 RIO F . 6.19 2.42 -12.78
N4 RIO F . 4.96 2.25 -13.55
C16 RIO F . 5.61 6.73 -15.65
O9 RIO F . 5.34 8.13 -15.79
C17 RIO F . 5.46 5.98 -16.99
O10 RIO F . 4.26 6.36 -17.64
K K G . -4.98 3.38 -1.29
O1 RIO H . -7.58 11.37 -2.37
C1 RIO H . -7.86 12.02 -3.62
C2 RIO H . -6.51 12.34 -4.29
O2 RIO H . -5.86 11.13 -4.73
C3 RIO H . -5.76 11.14 -6.17
O3 RIO H . -6.05 9.86 -6.73
C4 RIO H . -4.90 8.99 -6.83
C5 RIO H . -4.36 9.16 -8.25
O4 RIO H . -3.84 10.49 -8.42
C6 RIO H . -3.25 8.14 -8.51
N1 RIO H . -2.66 8.37 -9.84
C7 RIO H . -3.84 6.72 -8.42
C8 RIO H . -4.34 6.49 -6.99
N2 RIO H . -4.95 5.17 -6.88
C9 RIO H . -5.35 7.56 -6.56
O5 RIO H . -5.61 7.33 -5.17
C10 RIO H . -6.81 7.95 -4.67
O6 RIO H . -7.96 7.11 -4.96
C11 RIO H . -7.93 5.83 -4.31
C12 RIO H . -9.23 5.06 -4.63
N3 RIO H . -9.29 4.70 -6.05
C13 RIO H . -7.85 5.98 -2.79
O7 RIO H . -7.70 4.69 -2.19
C14 RIO H . -6.60 6.80 -2.44
O8 RIO H . -6.55 7.01 -1.02
C15 RIO H . -6.65 8.15 -3.17
N4 RIO H . -5.39 8.86 -2.89
C16 RIO H . -6.88 12.10 -6.59
O9 RIO H . -6.71 12.59 -7.93
C17 RIO H . -6.74 13.19 -5.54
O10 RIO H . -5.60 14.02 -5.80
K K I . 6.92 -0.38 6.48
O1 RIO J . 9.43 -4.12 13.50
C1 RIO J . 9.36 -5.51 13.79
C2 RIO J . 7.93 -5.89 14.19
O2 RIO J . 7.04 -5.82 13.06
C3 RIO J . 6.66 -7.15 12.66
O3 RIO J . 6.72 -7.34 11.24
C4 RIO J . 5.53 -6.94 10.54
C5 RIO J . 4.58 -8.15 10.45
O4 RIO J . 4.14 -8.50 11.76
C6 RIO J . 3.35 -7.83 9.59
N1 RIO J . 2.43 -8.97 9.54
C7 RIO J . 3.79 -7.46 8.17
C8 RIO J . 4.71 -6.23 8.21
N2 RIO J . 5.20 -5.96 6.86
C9 RIO J . 5.91 -6.44 9.14
O5 RIO J . 6.58 -5.17 9.19
C10 RIO J . 7.91 -5.24 9.70
O6 RIO J . 8.84 -5.50 8.63
C11 RIO J . 8.88 -4.49 7.62
C12 RIO J . 9.89 -4.91 6.53
N3 RIO J . 9.45 -6.16 5.89
C13 RIO J . 9.31 -3.15 8.23
O7 RIO J . 9.32 -2.12 7.23
C14 RIO J . 8.32 -2.77 9.34
O8 RIO J . 8.71 -1.56 9.99
C15 RIO J . 8.24 -3.89 10.37
N4 RIO J . 7.21 -3.57 11.36
C16 RIO J . 7.69 -8.06 13.35
O9 RIO J . 7.24 -9.40 13.51
C17 RIO J . 7.86 -7.33 14.68
O10 RIO J . 6.74 -7.55 15.53
K K K . -5.18 -2.92 2.04
O1 RIO L . -8.65 -10.10 3.88
C1 RIO L . -8.71 -10.73 5.17
C2 RIO L . -7.36 -11.34 5.53
O2 RIO L . -6.41 -10.29 5.83
C3 RIO L . -6.05 -10.37 7.22
O3 RIO L . -5.99 -9.07 7.82
C4 RIO L . -4.74 -8.39 7.63
C5 RIO L . -3.91 -8.61 8.89
O4 RIO L . -3.57 -9.99 9.03
C6 RIO L . -2.62 -7.77 8.83
N1 RIO L . -1.77 -8.07 9.99
C7 RIO L . -3.00 -6.30 8.81
C8 RIO L . -3.81 -6.02 7.53
N2 RIO L . -4.26 -4.62 7.55
C9 RIO L . -5.04 -6.92 7.40
O5 RIO L . -5.63 -6.62 6.11
C10 RIO L . -6.98 -7.04 5.92
O6 RIO L . -7.90 -6.03 6.37
C11 RIO L . -7.82 -4.78 5.66
C12 RIO L . -8.82 -3.77 6.23
N3 RIO L . -8.41 -3.42 7.60
C13 RIO L . -8.11 -4.99 4.17
O7 RIO L . -7.88 -3.77 3.46
C14 RIO L . -7.15 -6.02 3.60
O8 RIO L . -7.46 -6.30 2.24
C15 RIO L . -7.20 -7.31 4.42
N4 RIO L . -6.17 -8.21 3.90
C16 RIO L . -7.20 -11.13 7.86
O9 RIO L . -6.87 -11.67 9.14
C17 RIO L . -7.49 -12.19 6.79
O10 RIO L . -6.52 -13.24 6.82
#